data_8T9X
#
_entry.id   8T9X
#
loop_
_entity.id
_entity.type
_entity.pdbx_description
1 polymer 'Major capsid protein'
2 polymer "DNA (5'-D(P*CP*GP*A)-3')"
3 polymer "DNA (5'-D(P*CP*AP*GP*GP*CP*CP*AP*AP*A)-3')"
4 polymer "DNA (5'-D(P*TP*CP*GP*AP*A)-3')"
5 water water
#
loop_
_entity_poly.entity_id
_entity_poly.type
_entity_poly.pdbx_seq_one_letter_code
_entity_poly.pdbx_strand_id
1 'polypeptide(L)'
;ATAILRPIGLHVEKFQQTYRKKWRFLTSANANVILAEAASGERPARWALTTGMASIPWEYLFFYMSPAEYNRMKNYPGTF
AKSASVRIRTWNTRVAFQTGDTQTANATLNQNKFLQVAKGIRSIPFICSTNRKYTYSDTEPMQPTGFATLTSYEYRDGLK
IAMYGYDNDSADFAKKPPADATGAEIYLQDYLTIYTNDARATTGTKILAGFPPYKNFIEEFDASACINTDVVAMDYDFSY
APLVPQFAPVPNNLITQNYNASYPAGTKNEVTAVKTTDSSQATPPTQVRNAPRKYIQGPNADTTFFDEEQNYLRVPIEQG
GIFEEVNVETVHDTQMPSINVGIRAVPKLTTIDETTQANSWLDAQGYFEVDCVLTTESVDPYTYIKGGCYSANTKSQLQY
FASDGRPIAKVYDNPNVYGRMQMIKTVKP
;
A
2 'polydeoxyribonucleotide' (DC)(DG)(DA) B
3 'polydeoxyribonucleotide' (DC)(DA)(DG)(DG)(DC)(DC)(DA)(DA)(DA) C
4 'polydeoxyribonucleotide' (DT)(DC)(DG)(DA)(DA) D
#
# COMPACT_ATOMS: atom_id res chain seq x y z
N ALA A 1 46.95 18.36 -30.99
CA ALA A 1 47.97 17.84 -30.08
C ALA A 1 47.47 16.62 -29.32
N THR A 2 48.36 15.65 -29.13
CA THR A 2 48.01 14.43 -28.45
C THR A 2 47.70 14.71 -26.97
N ALA A 3 46.59 14.17 -26.50
CA ALA A 3 46.16 14.36 -25.11
C ALA A 3 46.57 13.16 -24.29
N ILE A 4 47.45 13.37 -23.32
CA ILE A 4 47.83 12.28 -22.42
C ILE A 4 46.80 12.08 -21.32
N LEU A 5 46.03 13.11 -20.97
CA LEU A 5 44.93 13.00 -20.03
C LEU A 5 43.69 13.68 -20.59
N ARG A 6 42.55 13.05 -20.36
CA ARG A 6 41.25 13.60 -20.69
C ARG A 6 40.32 13.49 -19.48
N PRO A 7 39.32 14.36 -19.38
CA PRO A 7 38.45 14.32 -18.20
C PRO A 7 37.47 13.15 -18.22
N ILE A 8 37.95 11.95 -17.89
CA ILE A 8 37.08 10.78 -17.84
C ILE A 8 36.10 10.84 -16.67
N GLY A 9 36.39 11.64 -15.65
CA GLY A 9 35.49 11.76 -14.51
C GLY A 9 35.58 10.60 -13.54
N LEU A 10 34.57 10.52 -12.67
CA LEU A 10 34.50 9.46 -11.66
C LEU A 10 34.23 8.08 -12.24
N HIS A 11 34.65 7.08 -11.49
CA HIS A 11 34.22 5.70 -11.69
C HIS A 11 32.99 5.47 -10.84
N VAL A 12 31.85 5.22 -11.48
CA VAL A 12 30.60 4.90 -10.80
C VAL A 12 30.04 3.63 -11.42
N GLU A 13 29.67 2.68 -10.59
CA GLU A 13 29.08 1.43 -11.05
C GLU A 13 27.60 1.42 -10.73
N LYS A 14 26.78 1.13 -11.73
CA LYS A 14 25.33 1.09 -11.60
C LYS A 14 24.87 -0.36 -11.68
N PHE A 15 23.96 -0.75 -10.79
CA PHE A 15 23.50 -2.13 -10.69
C PHE A 15 21.99 -2.16 -10.76
N GLN A 16 21.46 -2.87 -11.76
CA GLN A 16 20.02 -3.04 -11.92
C GLN A 16 19.63 -4.46 -11.50
N GLN A 17 18.56 -4.58 -10.73
CA GLN A 17 18.06 -5.85 -10.25
C GLN A 17 16.56 -5.96 -10.49
N THR A 18 16.08 -7.18 -10.70
CA THR A 18 14.69 -7.45 -10.98
C THR A 18 14.17 -8.53 -10.05
N TYR A 19 12.97 -8.33 -9.52
CA TYR A 19 12.35 -9.26 -8.57
C TYR A 19 10.97 -9.64 -9.09
N ARG A 20 10.74 -10.95 -9.22
CA ARG A 20 9.48 -11.48 -9.74
C ARG A 20 8.85 -12.43 -8.73
N LYS A 21 7.53 -12.39 -8.64
CA LYS A 21 6.76 -13.34 -7.85
C LYS A 21 5.47 -13.67 -8.60
N LYS A 22 4.94 -14.86 -8.31
CA LYS A 22 3.62 -15.26 -8.79
C LYS A 22 2.79 -15.74 -7.61
N TRP A 23 1.62 -15.15 -7.42
CA TRP A 23 0.75 -15.47 -6.31
C TRP A 23 -0.63 -15.89 -6.84
N ARG A 24 -1.27 -16.80 -6.11
CA ARG A 24 -2.64 -17.20 -6.39
C ARG A 24 -3.49 -16.92 -5.16
N PHE A 25 -4.51 -16.10 -5.32
CA PHE A 25 -5.29 -15.57 -4.22
C PHE A 25 -6.74 -16.05 -4.32
N LEU A 26 -7.33 -16.36 -3.17
CA LEU A 26 -8.75 -16.71 -3.08
C LEU A 26 -9.49 -15.60 -2.35
N THR A 27 -10.59 -15.15 -2.93
CA THR A 27 -11.41 -14.09 -2.35
C THR A 27 -12.81 -14.61 -2.10
N SER A 28 -13.45 -14.08 -1.07
CA SER A 28 -14.81 -14.45 -0.72
C SER A 28 -15.78 -13.43 -1.29
N ALA A 29 -16.92 -13.90 -1.81
CA ALA A 29 -17.92 -13.02 -2.39
C ALA A 29 -18.83 -12.44 -1.31
N ASN A 30 -18.32 -11.45 -0.58
CA ASN A 30 -19.05 -10.91 0.57
C ASN A 30 -20.31 -10.17 0.15
N ALA A 31 -21.33 -10.26 0.99
CA ALA A 31 -22.52 -9.44 0.80
C ALA A 31 -22.22 -7.98 1.11
N ASN A 32 -22.90 -7.09 0.41
CA ASN A 32 -22.84 -5.66 0.70
C ASN A 32 -23.86 -5.36 1.79
N VAL A 33 -23.39 -5.21 3.04
CA VAL A 33 -24.25 -4.91 4.17
C VAL A 33 -23.71 -3.67 4.88
N ILE A 34 -24.53 -3.12 5.76
CA ILE A 34 -24.19 -1.92 6.50
C ILE A 34 -23.87 -2.29 7.94
N LEU A 35 -22.69 -1.91 8.40
CA LEU A 35 -22.25 -2.14 9.77
C LEU A 35 -22.07 -0.80 10.47
N ALA A 36 -22.43 -0.74 11.74
CA ALA A 36 -22.24 0.45 12.54
C ALA A 36 -20.88 0.39 13.23
N GLU A 37 -20.11 1.47 13.10
CA GLU A 37 -18.83 1.61 13.79
C GLU A 37 -18.97 2.75 14.78
N ALA A 38 -18.89 2.43 16.07
CA ALA A 38 -19.13 3.43 17.11
C ALA A 38 -17.98 4.42 17.19
N ALA A 39 -18.29 5.60 17.76
CA ALA A 39 -17.30 6.64 17.92
C ALA A 39 -16.22 6.21 18.91
N SER A 40 -14.99 6.64 18.65
CA SER A 40 -13.85 6.25 19.48
C SER A 40 -12.78 7.33 19.33
N GLY A 41 -12.58 8.11 20.38
CA GLY A 41 -11.59 9.18 20.32
C GLY A 41 -11.97 10.21 19.29
N GLU A 42 -11.04 10.46 18.35
CA GLU A 42 -11.29 11.36 17.24
C GLU A 42 -12.10 10.71 16.11
N ARG A 43 -12.35 9.40 16.18
CA ARG A 43 -13.14 8.75 15.16
C ARG A 43 -14.62 8.96 15.42
N PRO A 44 -15.36 9.59 14.50
CA PRO A 44 -16.79 9.78 14.73
C PRO A 44 -17.57 8.51 14.46
N ALA A 45 -18.79 8.46 15.01
CA ALA A 45 -19.69 7.37 14.71
C ALA A 45 -20.02 7.39 13.22
N ARG A 46 -19.97 6.23 12.59
CA ARG A 46 -20.16 6.17 11.15
C ARG A 46 -20.78 4.84 10.75
N TRP A 47 -21.33 4.82 9.55
CA TRP A 47 -21.85 3.61 8.92
C TRP A 47 -20.81 3.09 7.94
N ALA A 48 -20.69 1.77 7.85
CA ALA A 48 -19.75 1.13 6.94
C ALA A 48 -20.51 0.20 6.01
N LEU A 49 -20.17 0.25 4.73
CA LEU A 49 -20.80 -0.57 3.71
C LEU A 49 -19.74 -1.54 3.18
N THR A 50 -20.00 -2.85 3.34
CA THR A 50 -19.01 -3.86 3.03
C THR A 50 -19.05 -4.23 1.56
N THR A 51 -17.95 -4.79 1.07
CA THR A 51 -17.85 -5.32 -0.28
C THR A 51 -17.03 -6.60 -0.26
N GLY A 52 -16.97 -7.24 -1.43
CA GLY A 52 -16.09 -8.37 -1.66
C GLY A 52 -14.86 -8.07 -2.48
N MET A 53 -14.53 -6.79 -2.66
CA MET A 53 -13.38 -6.38 -3.48
C MET A 53 -12.12 -6.40 -2.61
N ALA A 54 -11.36 -7.49 -2.73
CA ALA A 54 -10.17 -7.67 -1.90
C ALA A 54 -9.05 -6.75 -2.32
N SER A 55 -8.35 -6.20 -1.34
CA SER A 55 -7.20 -5.35 -1.60
C SER A 55 -6.02 -6.18 -2.12
N ILE A 56 -5.37 -5.69 -3.17
CA ILE A 56 -4.16 -6.31 -3.69
C ILE A 56 -2.98 -5.45 -3.23
N PRO A 57 -2.12 -5.94 -2.32
CA PRO A 57 -1.06 -5.12 -1.72
C PRO A 57 0.19 -4.97 -2.59
N TRP A 58 -0.01 -4.52 -3.83
CA TRP A 58 1.10 -4.33 -4.75
C TRP A 58 1.95 -3.11 -4.41
N GLU A 59 1.59 -2.35 -3.38
CA GLU A 59 2.33 -1.16 -3.02
C GLU A 59 3.46 -1.43 -2.04
N TYR A 60 3.71 -2.69 -1.68
CA TYR A 60 4.63 -3.04 -0.62
C TYR A 60 5.72 -3.96 -1.13
N LEU A 61 6.90 -3.87 -0.51
CA LEU A 61 8.08 -4.53 -1.04
C LEU A 61 7.99 -6.04 -0.93
N PHE A 62 7.39 -6.55 0.14
CA PHE A 62 7.29 -8.01 0.32
C PHE A 62 6.45 -8.66 -0.77
N PHE A 63 5.56 -7.92 -1.42
CA PHE A 63 4.79 -8.46 -2.53
C PHE A 63 5.68 -8.93 -3.67
N TYR A 64 6.85 -8.32 -3.81
CA TYR A 64 7.74 -8.57 -4.95
C TYR A 64 8.99 -9.35 -4.60
N MET A 65 9.44 -9.34 -3.35
CA MET A 65 10.74 -9.87 -3.03
C MET A 65 10.74 -10.63 -1.71
N SER A 66 11.49 -11.72 -1.69
CA SER A 66 11.56 -12.64 -0.57
C SER A 66 12.43 -12.05 0.55
N PRO A 67 12.36 -12.63 1.75
CA PRO A 67 13.26 -12.17 2.82
C PRO A 67 14.73 -12.29 2.48
N ALA A 68 15.14 -13.32 1.73
CA ALA A 68 16.55 -13.44 1.33
C ALA A 68 16.94 -12.29 0.41
N GLU A 69 16.10 -12.00 -0.58
CA GLU A 69 16.37 -10.89 -1.49
C GLU A 69 16.42 -9.56 -0.76
N TYR A 70 15.51 -9.36 0.20
CA TYR A 70 15.50 -8.14 0.98
C TYR A 70 16.76 -8.02 1.83
N ASN A 71 17.16 -9.11 2.49
CA ASN A 71 18.36 -9.08 3.32
C ASN A 71 19.60 -8.76 2.49
N ARG A 72 19.70 -9.34 1.29
CA ARG A 72 20.84 -9.04 0.43
C ARG A 72 20.79 -7.61 -0.06
N MET A 73 19.60 -7.07 -0.32
CA MET A 73 19.49 -5.72 -0.88
C MET A 73 20.10 -4.66 0.03
N LYS A 74 20.17 -4.93 1.33
CA LYS A 74 20.76 -3.97 2.26
C LYS A 74 22.25 -3.75 2.02
N ASN A 75 22.88 -4.59 1.23
CA ASN A 75 24.31 -4.45 0.94
C ASN A 75 24.57 -3.52 -0.23
N TYR A 76 23.55 -2.87 -0.79
CA TYR A 76 23.68 -1.98 -1.94
C TYR A 76 23.16 -0.61 -1.55
N PRO A 77 24.00 0.25 -0.97
CA PRO A 77 23.59 1.61 -0.66
C PRO A 77 23.16 2.37 -1.92
N GLY A 78 22.20 3.27 -1.75
CA GLY A 78 21.68 4.01 -2.87
C GLY A 78 20.71 3.24 -3.75
N THR A 79 20.10 2.18 -3.22
CA THR A 79 19.11 1.43 -3.99
C THR A 79 17.81 2.22 -4.07
N PHE A 80 17.30 2.39 -5.29
CA PHE A 80 16.00 3.00 -5.53
C PHE A 80 15.13 2.01 -6.28
N ALA A 81 13.87 1.89 -5.85
CA ALA A 81 12.89 1.19 -6.66
C ALA A 81 12.52 2.04 -7.86
N LYS A 82 12.63 1.45 -9.05
CA LYS A 82 12.39 2.18 -10.29
C LYS A 82 10.98 2.00 -10.82
N SER A 83 10.54 0.76 -11.04
CA SER A 83 9.20 0.50 -11.53
C SER A 83 8.63 -0.75 -10.88
N ALA A 84 7.32 -0.79 -10.78
CA ALA A 84 6.58 -1.96 -10.32
C ALA A 84 5.47 -2.27 -11.31
N SER A 85 5.30 -3.56 -11.58
CA SER A 85 4.28 -4.02 -12.52
C SER A 85 3.50 -5.15 -11.89
N VAL A 86 2.20 -5.17 -12.15
CA VAL A 86 1.33 -6.24 -11.66
C VAL A 86 0.37 -6.63 -12.77
N ARG A 87 0.14 -7.92 -12.93
CA ARG A 87 -0.84 -8.45 -13.87
C ARG A 87 -1.72 -9.45 -13.12
N ILE A 88 -3.03 -9.31 -13.27
CA ILE A 88 -3.99 -10.15 -12.55
C ILE A 88 -4.82 -10.91 -13.57
N ARG A 89 -4.81 -12.23 -13.46
CA ARG A 89 -5.64 -13.12 -14.26
C ARG A 89 -6.62 -13.83 -13.33
N THR A 90 -7.86 -13.99 -13.79
CA THR A 90 -8.87 -14.71 -13.04
C THR A 90 -9.10 -16.09 -13.66
N TRP A 91 -9.30 -17.07 -12.79
CA TRP A 91 -9.65 -18.42 -13.18
C TRP A 91 -11.14 -18.64 -12.92
N ASN A 92 -11.59 -19.89 -13.02
CA ASN A 92 -13.00 -20.19 -12.84
C ASN A 92 -13.48 -19.77 -11.46
N THR A 93 -14.63 -19.12 -11.42
CA THR A 93 -15.25 -18.70 -10.17
C THR A 93 -16.17 -19.80 -9.65
N ARG A 94 -15.96 -20.21 -8.40
CA ARG A 94 -16.72 -21.31 -7.82
C ARG A 94 -17.89 -20.76 -7.01
N VAL A 95 -19.09 -21.29 -7.27
CA VAL A 95 -20.29 -20.93 -6.55
C VAL A 95 -20.93 -22.21 -6.02
N ALA A 96 -21.33 -22.16 -4.74
CA ALA A 96 -21.89 -23.33 -4.09
C ALA A 96 -23.16 -23.80 -4.79
N PHE A 97 -23.32 -25.12 -4.89
CA PHE A 97 -24.51 -25.70 -5.51
C PHE A 97 -25.76 -25.37 -4.70
N GLN A 98 -25.65 -25.33 -3.38
CA GLN A 98 -26.78 -25.06 -2.51
C GLN A 98 -26.29 -24.39 -1.24
N THR A 99 -27.24 -23.86 -0.49
CA THR A 99 -26.93 -23.27 0.82
C THR A 99 -27.16 -24.30 1.93
N GLY A 100 -26.81 -23.92 3.15
CA GLY A 100 -26.93 -24.83 4.28
C GLY A 100 -28.35 -25.06 4.73
N ASP A 101 -29.28 -24.16 4.41
CA ASP A 101 -30.66 -24.29 4.84
C ASP A 101 -31.31 -25.50 4.19
N THR A 102 -32.03 -26.29 5.00
CA THR A 102 -32.69 -27.50 4.52
C THR A 102 -34.16 -27.27 4.17
N GLN A 103 -34.82 -26.33 4.84
CA GLN A 103 -36.25 -26.12 4.62
C GLN A 103 -36.55 -25.70 3.18
N THR A 104 -35.71 -24.85 2.60
CA THR A 104 -35.87 -24.42 1.21
C THR A 104 -35.13 -25.38 0.30
N ALA A 105 -35.78 -25.77 -0.80
CA ALA A 105 -35.12 -26.53 -1.86
C ALA A 105 -34.45 -25.55 -2.83
N ASN A 106 -33.32 -25.02 -2.38
CA ASN A 106 -32.69 -23.89 -3.03
C ASN A 106 -31.58 -24.27 -4.02
N ALA A 107 -31.22 -25.55 -4.12
CA ALA A 107 -30.15 -25.95 -5.01
C ALA A 107 -30.53 -25.71 -6.47
N THR A 108 -29.57 -25.19 -7.24
CA THR A 108 -29.81 -24.90 -8.65
C THR A 108 -28.49 -25.00 -9.42
N LEU A 109 -28.58 -25.53 -10.64
CA LEU A 109 -27.41 -25.62 -11.51
C LEU A 109 -27.15 -24.33 -12.28
N ASN A 110 -28.11 -23.41 -12.33
CA ASN A 110 -27.97 -22.17 -13.07
C ASN A 110 -27.31 -21.11 -12.18
N GLN A 111 -26.41 -20.33 -12.79
CA GLN A 111 -25.63 -19.36 -12.05
C GLN A 111 -25.57 -18.02 -12.78
N ASN A 112 -25.55 -16.94 -12.00
CA ASN A 112 -25.17 -15.61 -12.47
C ASN A 112 -24.01 -15.14 -11.60
N LYS A 113 -22.83 -15.03 -12.20
CA LYS A 113 -21.60 -14.68 -11.49
C LYS A 113 -21.03 -13.40 -12.08
N PHE A 114 -20.61 -12.48 -11.20
CA PHE A 114 -20.09 -11.19 -11.65
C PHE A 114 -18.78 -10.87 -10.93
N LEU A 115 -17.79 -10.45 -11.71
CA LEU A 115 -16.48 -10.06 -11.20
C LEU A 115 -16.40 -8.54 -11.11
N GLN A 116 -15.93 -8.03 -9.98
CA GLN A 116 -15.84 -6.59 -9.74
C GLN A 116 -14.38 -6.16 -9.72
N VAL A 117 -14.08 -5.06 -10.42
CA VAL A 117 -12.74 -4.48 -10.45
C VAL A 117 -12.84 -3.00 -10.13
N ALA A 118 -12.06 -2.55 -9.15
CA ALA A 118 -11.99 -1.15 -8.76
C ALA A 118 -10.54 -0.69 -8.83
N LYS A 119 -10.26 0.31 -9.66
CA LYS A 119 -8.93 0.87 -9.81
C LYS A 119 -8.94 2.31 -9.31
N GLY A 120 -8.05 2.63 -8.38
CA GLY A 120 -7.88 3.99 -7.93
C GLY A 120 -9.01 4.56 -7.09
N ILE A 121 -9.82 3.71 -6.44
CA ILE A 121 -10.90 4.21 -5.60
C ILE A 121 -10.34 4.94 -4.39
N ARG A 122 -9.17 4.53 -3.92
CA ARG A 122 -8.58 5.09 -2.71
C ARG A 122 -8.37 6.60 -2.81
N SER A 123 -8.14 7.12 -4.02
CA SER A 123 -7.80 8.53 -4.17
C SER A 123 -8.99 9.42 -4.54
N ILE A 124 -10.19 8.86 -4.65
CA ILE A 124 -11.37 9.64 -5.04
C ILE A 124 -11.77 10.53 -3.85
N PRO A 125 -11.78 11.85 -4.03
CA PRO A 125 -11.95 12.74 -2.86
C PRO A 125 -13.27 12.61 -2.12
N PHE A 126 -14.36 12.31 -2.82
CA PHE A 126 -15.68 12.29 -2.19
C PHE A 126 -16.10 10.89 -1.73
N ILE A 127 -15.25 9.89 -1.90
CA ILE A 127 -15.54 8.54 -1.42
C ILE A 127 -14.60 8.24 -0.27
N CYS A 128 -15.15 8.08 0.92
CA CYS A 128 -14.35 7.73 2.10
C CYS A 128 -14.30 6.22 2.23
N SER A 129 -13.11 5.64 2.04
CA SER A 129 -12.98 4.20 2.00
C SER A 129 -11.64 3.76 2.58
N THR A 130 -11.64 2.55 3.17
CA THR A 130 -10.43 1.85 3.56
C THR A 130 -10.63 0.37 3.27
N ASN A 131 -9.57 -0.41 3.49
CA ASN A 131 -9.66 -1.86 3.44
C ASN A 131 -9.73 -2.40 4.86
N ARG A 132 -10.72 -3.26 5.11
CA ARG A 132 -10.97 -3.78 6.44
C ARG A 132 -11.12 -5.30 6.39
N LYS A 133 -10.83 -5.93 7.52
CA LYS A 133 -11.10 -7.35 7.69
C LYS A 133 -12.36 -7.51 8.52
N TYR A 134 -13.31 -8.27 8.01
CA TYR A 134 -14.60 -8.43 8.67
C TYR A 134 -14.63 -9.68 9.55
N THR A 135 -15.61 -9.72 10.44
CA THR A 135 -16.09 -10.95 11.04
C THR A 135 -17.44 -11.29 10.41
N TYR A 136 -17.71 -12.57 10.26
CA TYR A 136 -18.88 -13.03 9.54
C TYR A 136 -19.81 -13.83 10.45
N SER A 137 -21.06 -13.93 10.04
CA SER A 137 -22.03 -14.74 10.76
C SER A 137 -21.81 -16.21 10.45
N ASP A 138 -22.15 -17.06 11.42
CA ASP A 138 -21.98 -18.49 11.23
C ASP A 138 -23.01 -19.07 10.27
N THR A 139 -24.25 -18.56 10.32
CA THR A 139 -25.29 -19.07 9.44
C THR A 139 -25.15 -18.56 8.02
N GLU A 140 -24.62 -17.34 7.84
CA GLU A 140 -24.41 -16.73 6.54
C GLU A 140 -22.93 -16.38 6.43
N PRO A 141 -22.09 -17.31 5.97
CA PRO A 141 -20.64 -17.03 5.92
C PRO A 141 -20.26 -15.92 4.97
N MET A 142 -21.10 -15.58 3.99
CA MET A 142 -20.83 -14.44 3.12
C MET A 142 -21.21 -13.11 3.74
N GLN A 143 -21.85 -13.11 4.91
CA GLN A 143 -22.41 -11.90 5.47
C GLN A 143 -21.51 -11.36 6.57
N PRO A 144 -20.83 -10.23 6.36
CA PRO A 144 -20.10 -9.59 7.46
C PRO A 144 -21.06 -9.15 8.56
N THR A 145 -20.61 -9.30 9.81
CA THR A 145 -21.39 -8.87 10.96
C THR A 145 -20.58 -8.00 11.91
N GLY A 146 -19.37 -7.60 11.54
CA GLY A 146 -18.54 -6.80 12.41
C GLY A 146 -17.16 -6.64 11.81
N PHE A 147 -16.28 -6.04 12.59
CA PHE A 147 -14.92 -5.76 12.17
C PHE A 147 -13.93 -6.54 13.03
N ALA A 148 -12.98 -7.20 12.38
CA ALA A 148 -11.85 -7.78 13.09
C ALA A 148 -10.93 -6.67 13.59
N THR A 149 -10.22 -6.94 14.69
CA THR A 149 -9.35 -5.95 15.28
C THR A 149 -7.95 -5.93 14.67
N LEU A 150 -7.66 -6.85 13.76
CA LEU A 150 -6.35 -6.92 13.13
C LEU A 150 -6.00 -5.62 12.43
N THR A 151 -4.79 -5.12 12.65
CA THR A 151 -4.34 -3.91 11.99
C THR A 151 -3.83 -4.22 10.58
N SER A 152 -3.63 -3.17 9.80
CA SER A 152 -3.09 -3.34 8.46
C SER A 152 -1.68 -3.92 8.49
N TYR A 153 -0.86 -3.48 9.46
CA TYR A 153 0.47 -4.03 9.61
C TYR A 153 0.42 -5.52 9.90
N GLU A 154 -0.45 -5.94 10.81
CA GLU A 154 -0.57 -7.35 11.14
C GLU A 154 -1.10 -8.16 9.96
N TYR A 155 -2.05 -7.59 9.21
CA TYR A 155 -2.56 -8.27 8.03
C TYR A 155 -1.46 -8.51 7.01
N ARG A 156 -0.68 -7.48 6.71
CA ARG A 156 0.39 -7.65 5.73
C ARG A 156 1.48 -8.59 6.26
N ASP A 157 1.73 -8.57 7.57
CA ASP A 157 2.71 -9.49 8.14
C ASP A 157 2.24 -10.95 8.00
N GLY A 158 0.95 -11.20 8.26
CA GLY A 158 0.42 -12.54 8.05
C GLY A 158 0.48 -12.97 6.60
N LEU A 159 0.16 -12.05 5.68
CA LEU A 159 0.31 -12.35 4.27
C LEU A 159 1.76 -12.71 3.93
N LYS A 160 2.71 -11.95 4.46
CA LYS A 160 4.12 -12.23 4.19
C LYS A 160 4.52 -13.60 4.71
N ILE A 161 4.09 -13.95 5.93
CA ILE A 161 4.43 -15.26 6.47
C ILE A 161 3.81 -16.37 5.63
N ALA A 162 2.59 -16.15 5.14
CA ALA A 162 1.98 -17.14 4.24
C ALA A 162 2.79 -17.29 2.95
N MET A 163 3.30 -16.18 2.43
CA MET A 163 4.09 -16.25 1.19
C MET A 163 5.43 -16.96 1.40
N TYR A 164 6.12 -16.65 2.49
CA TYR A 164 7.52 -17.02 2.62
C TYR A 164 7.84 -17.94 3.80
N GLY A 165 6.91 -18.18 4.71
CA GLY A 165 7.09 -19.18 5.75
C GLY A 165 7.92 -18.69 6.93
N TYR A 166 8.03 -19.57 7.92
CA TYR A 166 8.76 -19.29 9.14
C TYR A 166 10.23 -19.64 9.02
N ASP A 167 11.00 -19.25 10.03
CA ASP A 167 12.38 -19.72 10.15
C ASP A 167 12.40 -21.20 10.50
N ASN A 168 13.50 -21.87 10.12
CA ASN A 168 13.63 -23.30 10.29
C ASN A 168 13.61 -23.73 11.75
N ASP A 169 13.88 -22.81 12.69
CA ASP A 169 13.88 -23.13 14.11
C ASP A 169 12.57 -22.75 14.81
N SER A 170 11.58 -22.27 14.08
CA SER A 170 10.32 -21.87 14.68
C SER A 170 9.54 -23.08 15.17
N ALA A 171 8.88 -22.92 16.32
CA ALA A 171 7.96 -23.96 16.79
C ALA A 171 6.74 -24.10 15.89
N ASP A 172 6.37 -23.04 15.17
CA ASP A 172 5.20 -23.02 14.30
C ASP A 172 5.55 -23.25 12.84
N PHE A 173 6.70 -23.86 12.55
CA PHE A 173 7.19 -23.94 11.18
C PHE A 173 6.20 -24.63 10.25
N ALA A 174 5.61 -25.73 10.71
CA ALA A 174 4.75 -26.53 9.84
C ALA A 174 3.42 -25.87 9.53
N LYS A 175 3.05 -24.80 10.23
CA LYS A 175 1.73 -24.22 10.08
C LYS A 175 1.55 -23.46 8.76
N LYS A 176 2.61 -22.96 8.16
CA LYS A 176 2.51 -22.18 6.93
C LYS A 176 3.56 -22.61 5.91
N PRO A 177 3.26 -23.62 5.10
CA PRO A 177 4.14 -23.97 3.97
C PRO A 177 4.20 -22.82 2.97
N PRO A 178 5.40 -22.32 2.66
CA PRO A 178 5.49 -21.07 1.89
C PRO A 178 4.93 -21.24 0.48
N ALA A 179 4.00 -20.34 0.13
CA ALA A 179 3.45 -20.34 -1.22
C ALA A 179 4.50 -20.02 -2.27
N ASP A 180 5.56 -19.29 -1.91
CA ASP A 180 6.67 -19.09 -2.82
C ASP A 180 7.38 -20.40 -3.17
N ALA A 181 7.26 -21.41 -2.31
CA ALA A 181 7.81 -22.73 -2.62
C ALA A 181 6.78 -23.63 -3.29
N THR A 182 5.56 -23.69 -2.73
CA THR A 182 4.55 -24.63 -3.20
C THR A 182 3.72 -24.09 -4.35
N GLY A 183 3.53 -22.78 -4.45
CA GLY A 183 2.59 -22.25 -5.40
C GLY A 183 1.15 -22.47 -5.05
N ALA A 184 0.84 -22.74 -3.78
CA ALA A 184 -0.53 -22.98 -3.36
C ALA A 184 -1.29 -21.66 -3.20
N GLU A 185 -2.61 -21.79 -3.12
CA GLU A 185 -3.48 -20.62 -3.03
C GLU A 185 -3.48 -20.06 -1.61
N ILE A 186 -3.63 -18.74 -1.52
CA ILE A 186 -3.71 -18.02 -0.24
C ILE A 186 -5.03 -17.28 -0.19
N TYR A 187 -5.68 -17.30 0.97
CA TYR A 187 -6.91 -16.54 1.16
C TYR A 187 -6.60 -15.10 1.51
N LEU A 188 -7.27 -14.16 0.85
CA LEU A 188 -7.19 -12.75 1.22
C LEU A 188 -8.34 -12.39 2.15
N GLN A 189 -8.09 -11.45 3.07
CA GLN A 189 -9.08 -11.11 4.08
C GLN A 189 -9.37 -9.62 4.22
N ASP A 190 -8.80 -8.77 3.38
CA ASP A 190 -8.93 -7.32 3.50
C ASP A 190 -9.78 -6.82 2.33
N TYR A 191 -10.89 -6.16 2.64
CA TYR A 191 -11.91 -5.83 1.64
C TYR A 191 -12.24 -4.35 1.65
N LEU A 192 -12.53 -3.82 0.47
CA LEU A 192 -12.91 -2.42 0.33
C LEU A 192 -14.19 -2.12 1.10
N THR A 193 -14.16 -1.06 1.89
CA THR A 193 -15.28 -0.67 2.75
C THR A 193 -15.56 0.81 2.54
N ILE A 194 -16.83 1.16 2.36
CA ILE A 194 -17.26 2.53 2.10
C ILE A 194 -17.95 3.06 3.35
N TYR A 195 -17.52 4.23 3.81
CA TYR A 195 -18.06 4.83 5.02
C TYR A 195 -18.96 6.03 4.70
N THR A 196 -19.90 6.28 5.61
CA THR A 196 -20.68 7.51 5.62
C THR A 196 -21.03 7.83 7.07
N ASN A 197 -21.39 9.09 7.30
CA ASN A 197 -21.58 9.57 8.67
C ASN A 197 -22.81 8.94 9.29
N ASP A 198 -22.75 8.73 10.60
CA ASP A 198 -23.89 8.25 11.39
C ASP A 198 -24.42 9.45 12.18
N ALA A 199 -25.59 9.93 11.79
CA ALA A 199 -26.18 11.12 12.37
C ALA A 199 -27.23 10.81 13.43
N ARG A 200 -27.27 9.56 13.92
CA ARG A 200 -28.29 9.19 14.91
C ARG A 200 -28.17 10.02 16.18
N ALA A 201 -26.94 10.30 16.61
CA ALA A 201 -26.70 11.08 17.82
C ALA A 201 -26.19 12.49 17.54
N THR A 202 -26.20 12.92 16.28
CA THR A 202 -25.67 14.24 15.93
C THR A 202 -26.64 15.33 16.36
N THR A 203 -26.13 16.35 17.04
CA THR A 203 -26.94 17.48 17.47
C THR A 203 -26.71 18.66 16.52
N GLY A 204 -27.74 19.49 16.38
CA GLY A 204 -27.64 20.58 15.44
C GLY A 204 -27.96 20.15 14.02
N THR A 205 -27.26 20.76 13.07
CA THR A 205 -27.51 20.49 11.65
C THR A 205 -26.93 19.13 11.27
N LYS A 206 -27.76 18.27 10.69
CA LYS A 206 -27.32 16.95 10.28
C LYS A 206 -27.04 16.92 8.78
N ILE A 207 -26.04 16.14 8.40
CA ILE A 207 -25.79 15.83 7.00
C ILE A 207 -26.47 14.49 6.72
N LEU A 208 -27.48 14.51 5.86
CA LEU A 208 -28.29 13.33 5.58
C LEU A 208 -28.18 12.95 4.11
N ALA A 209 -26.96 12.89 3.59
CA ALA A 209 -26.74 12.62 2.18
C ALA A 209 -26.69 11.14 1.84
N GLY A 210 -26.76 10.25 2.82
CA GLY A 210 -26.72 8.82 2.53
C GLY A 210 -25.31 8.35 2.19
N PHE A 211 -25.19 7.63 1.09
CA PHE A 211 -23.93 7.10 0.59
C PHE A 211 -23.56 7.72 -0.75
N PRO A 212 -22.28 7.73 -1.10
CA PRO A 212 -21.92 7.99 -2.49
C PRO A 212 -22.25 6.80 -3.35
N PRO A 213 -22.65 7.02 -4.61
CA PRO A 213 -22.96 5.88 -5.48
C PRO A 213 -21.71 5.20 -6.00
N TYR A 214 -21.07 4.38 -5.16
CA TYR A 214 -19.73 3.89 -5.49
C TYR A 214 -19.75 2.91 -6.65
N LYS A 215 -20.90 2.30 -6.95
CA LYS A 215 -20.96 1.39 -8.09
C LYS A 215 -20.65 2.09 -9.40
N ASN A 216 -20.79 3.41 -9.46
CA ASN A 216 -20.49 4.15 -10.67
C ASN A 216 -19.00 4.35 -10.89
N PHE A 217 -18.15 3.78 -10.04
CA PHE A 217 -16.71 3.93 -10.15
C PHE A 217 -15.99 2.59 -10.25
N ILE A 218 -16.71 1.50 -10.49
CA ILE A 218 -16.11 0.17 -10.63
C ILE A 218 -16.50 -0.41 -11.96
N GLU A 219 -15.74 -1.40 -12.41
CA GLU A 219 -16.10 -2.21 -13.56
C GLU A 219 -16.60 -3.57 -13.08
N GLU A 220 -17.72 -4.03 -13.64
CA GLU A 220 -18.27 -5.32 -13.30
C GLU A 220 -18.50 -6.12 -14.57
N PHE A 221 -17.97 -7.34 -14.60
CA PHE A 221 -18.04 -8.20 -15.77
C PHE A 221 -18.71 -9.53 -15.43
N ASP A 222 -19.29 -10.14 -16.45
CA ASP A 222 -19.79 -11.51 -16.37
C ASP A 222 -18.63 -12.46 -16.06
N ALA A 223 -18.64 -13.07 -14.88
CA ALA A 223 -17.53 -13.93 -14.47
C ALA A 223 -17.52 -15.24 -15.26
N SER A 224 -18.67 -15.65 -15.81
CA SER A 224 -18.71 -16.85 -16.64
C SER A 224 -17.91 -16.70 -17.91
N ALA A 225 -17.68 -15.46 -18.36
CA ALA A 225 -16.95 -15.21 -19.59
C ALA A 225 -15.53 -14.71 -19.35
N CYS A 226 -15.09 -14.61 -18.11
CA CYS A 226 -13.75 -14.12 -17.79
C CYS A 226 -12.78 -15.21 -17.40
N ILE A 227 -13.14 -16.49 -17.58
CA ILE A 227 -12.28 -17.57 -17.13
C ILE A 227 -10.97 -17.53 -17.91
N ASN A 228 -9.85 -17.52 -17.18
CA ASN A 228 -8.51 -17.56 -17.76
C ASN A 228 -8.23 -16.33 -18.63
N THR A 229 -8.58 -15.16 -18.12
CA THR A 229 -8.38 -13.89 -18.82
C THR A 229 -7.76 -12.86 -17.89
N ASP A 230 -6.97 -11.96 -18.47
CA ASP A 230 -6.43 -10.84 -17.73
C ASP A 230 -7.53 -9.82 -17.44
N VAL A 231 -7.57 -9.31 -16.21
CA VAL A 231 -8.58 -8.33 -15.85
C VAL A 231 -7.93 -7.03 -15.41
N VAL A 232 -6.71 -7.09 -14.91
CA VAL A 232 -5.98 -5.91 -14.46
C VAL A 232 -4.54 -6.01 -14.93
N ALA A 233 -4.03 -4.92 -15.51
CA ALA A 233 -2.62 -4.78 -15.85
C ALA A 233 -2.21 -3.36 -15.51
N MET A 234 -1.33 -3.21 -14.51
CA MET A 234 -0.94 -1.90 -14.03
C MET A 234 0.58 -1.81 -13.95
N ASP A 235 1.10 -0.65 -14.36
CA ASP A 235 2.52 -0.32 -14.29
C ASP A 235 2.68 1.00 -13.57
N TYR A 236 3.68 1.10 -12.71
CA TYR A 236 3.92 2.30 -11.93
C TYR A 236 5.41 2.61 -11.91
N ASP A 237 5.77 3.85 -12.24
CA ASP A 237 7.14 4.33 -12.17
C ASP A 237 7.29 5.20 -10.93
N PHE A 238 8.24 4.86 -10.07
CA PHE A 238 8.36 5.52 -8.78
C PHE A 238 9.02 6.89 -8.92
N SER A 239 8.52 7.86 -8.15
CA SER A 239 9.13 9.19 -8.11
C SER A 239 10.35 9.20 -7.20
N TYR A 240 10.20 8.74 -5.97
CA TYR A 240 11.32 8.67 -5.03
C TYR A 240 11.04 7.52 -4.08
N ALA A 241 11.69 6.38 -4.31
CA ALA A 241 11.52 5.18 -3.49
C ALA A 241 12.89 4.72 -3.02
N PRO A 242 13.50 5.42 -2.06
CA PRO A 242 14.82 5.01 -1.57
C PRO A 242 14.74 3.81 -0.64
N LEU A 243 15.20 2.65 -1.11
CA LEU A 243 15.13 1.44 -0.31
C LEU A 243 16.34 1.30 0.60
N VAL A 244 17.51 1.72 0.16
CA VAL A 244 18.72 1.75 0.98
C VAL A 244 19.34 3.13 0.83
N PRO A 245 19.73 3.80 1.92
CA PRO A 245 20.30 5.14 1.79
C PRO A 245 21.60 5.14 0.99
N GLN A 246 21.85 6.27 0.32
CA GLN A 246 23.06 6.47 -0.47
C GLN A 246 24.31 6.33 0.39
N PHE A 247 25.45 5.99 -0.23
CA PHE A 247 26.74 6.09 0.46
C PHE A 247 26.94 7.51 0.96
N ALA A 248 27.46 7.64 2.17
CA ALA A 248 27.74 8.97 2.72
C ALA A 248 28.86 9.64 1.93
N PRO A 249 28.83 10.96 1.83
CA PRO A 249 29.96 11.68 1.24
C PRO A 249 31.07 11.87 2.26
N VAL A 250 32.23 12.27 1.75
CA VAL A 250 33.30 12.74 2.63
C VAL A 250 32.82 14.09 3.18
N PRO A 251 32.72 14.24 4.50
CA PRO A 251 32.16 15.49 5.06
C PRO A 251 33.12 16.66 4.86
N ASN A 252 32.64 17.72 4.20
CA ASN A 252 33.46 18.88 3.89
C ASN A 252 33.79 19.73 5.10
N ASN A 253 33.06 19.59 6.21
CA ASN A 253 33.42 20.31 7.43
C ASN A 253 34.78 19.89 7.96
N LEU A 254 35.26 18.70 7.57
CA LEU A 254 36.61 18.28 7.93
C LEU A 254 37.67 18.90 7.03
N ILE A 255 37.29 19.58 5.95
CA ILE A 255 38.25 20.12 5.00
C ILE A 255 38.12 21.64 4.88
N THR A 256 36.90 22.16 5.08
CA THR A 256 36.61 23.56 4.76
C THR A 256 36.15 24.29 6.01
N GLN A 257 36.36 25.61 5.99
CA GLN A 257 35.82 26.49 7.02
C GLN A 257 34.41 26.96 6.72
N ASN A 258 33.99 26.97 5.46
CA ASN A 258 32.69 27.50 5.07
C ASN A 258 31.64 26.41 4.88
N TYR A 259 31.75 25.31 5.62
CA TYR A 259 30.82 24.20 5.46
C TYR A 259 29.38 24.58 5.78
N ASN A 260 29.16 25.60 6.60
CA ASN A 260 27.82 26.08 6.93
C ASN A 260 27.46 27.36 6.17
N ALA A 261 27.87 27.45 4.90
CA ALA A 261 27.69 28.64 4.11
C ALA A 261 26.24 28.81 3.67
N SER A 262 25.91 30.03 3.25
CA SER A 262 24.63 30.36 2.66
C SER A 262 24.85 30.86 1.24
N TYR A 263 23.81 30.71 0.41
CA TYR A 263 23.87 31.14 -0.97
C TYR A 263 22.44 31.39 -1.46
N PRO A 264 22.27 32.17 -2.53
CA PRO A 264 20.92 32.47 -3.00
C PRO A 264 20.18 31.23 -3.46
N ALA A 265 18.88 31.19 -3.20
CA ALA A 265 17.98 30.25 -3.85
C ALA A 265 17.13 30.92 -4.92
N GLY A 266 17.19 32.25 -5.04
CA GLY A 266 16.34 32.95 -5.98
C GLY A 266 14.88 32.78 -5.61
N THR A 267 14.05 32.64 -6.64
CA THR A 267 12.63 32.39 -6.46
C THR A 267 12.27 30.92 -6.49
N LYS A 268 13.26 30.04 -6.59
CA LYS A 268 13.00 28.60 -6.58
C LYS A 268 12.84 28.10 -5.16
N ASN A 269 11.93 27.14 -4.98
CA ASN A 269 11.83 26.41 -3.73
C ASN A 269 12.80 25.23 -3.78
N GLU A 270 13.81 25.24 -2.92
CA GLU A 270 14.75 24.14 -2.84
C GLU A 270 14.57 23.29 -1.59
N VAL A 271 13.83 23.79 -0.60
CA VAL A 271 13.46 23.05 0.58
C VAL A 271 11.96 22.78 0.51
N THR A 272 11.57 21.53 0.76
CA THR A 272 10.18 21.14 0.62
C THR A 272 9.34 21.70 1.77
N ALA A 273 8.02 21.60 1.60
CA ALA A 273 7.08 22.12 2.57
C ALA A 273 6.02 21.06 2.88
N VAL A 274 5.44 21.18 4.06
CA VAL A 274 4.35 20.33 4.53
C VAL A 274 3.05 21.10 4.45
N LYS A 275 2.02 20.48 3.87
CA LYS A 275 0.70 21.08 3.76
C LYS A 275 -0.25 20.39 4.72
N THR A 276 -0.95 21.19 5.53
CA THR A 276 -1.96 20.70 6.46
C THR A 276 -3.32 21.28 6.08
N THR A 277 -4.31 20.40 5.93
CA THR A 277 -5.67 20.83 5.65
C THR A 277 -6.58 20.36 6.77
N ASP A 278 -7.84 20.83 6.72
CA ASP A 278 -8.80 20.60 7.80
C ASP A 278 -10.19 20.54 7.18
N SER A 279 -10.69 19.32 6.97
CA SER A 279 -11.99 19.15 6.35
C SER A 279 -13.13 19.57 7.26
N SER A 280 -12.90 19.65 8.58
CA SER A 280 -13.87 20.27 9.47
C SER A 280 -13.98 21.77 9.27
N GLN A 281 -13.02 22.36 8.56
CA GLN A 281 -12.98 23.79 8.23
C GLN A 281 -12.87 24.69 9.45
N ALA A 282 -12.36 24.19 10.57
CA ALA A 282 -12.07 25.06 11.69
C ALA A 282 -10.87 25.96 11.41
N THR A 283 -9.92 25.47 10.62
CA THR A 283 -8.74 26.22 10.21
C THR A 283 -8.55 26.10 8.71
N PRO A 284 -7.93 27.09 8.07
CA PRO A 284 -7.67 27.01 6.69
C PRO A 284 -6.40 26.23 6.37
N PRO A 285 -6.21 25.87 5.10
CA PRO A 285 -4.99 25.14 4.72
C PRO A 285 -3.75 25.98 5.00
N THR A 286 -2.69 25.31 5.45
CA THR A 286 -1.43 25.95 5.75
C THR A 286 -0.29 25.20 5.08
N GLN A 287 0.78 25.92 4.75
CA GLN A 287 1.97 25.35 4.14
C GLN A 287 3.19 25.82 4.91
N VAL A 288 3.98 24.88 5.41
CA VAL A 288 5.12 25.16 6.28
C VAL A 288 6.38 24.61 5.63
N ARG A 289 7.36 25.48 5.38
CA ARG A 289 8.65 25.05 4.88
C ARG A 289 9.60 24.75 6.05
N ASN A 290 10.69 24.05 5.73
CA ASN A 290 11.74 23.72 6.70
C ASN A 290 11.22 22.85 7.85
N ALA A 291 10.64 21.70 7.49
CA ALA A 291 10.12 20.78 8.48
C ALA A 291 11.26 20.11 9.24
N PRO A 292 10.99 19.56 10.43
CA PRO A 292 12.02 18.78 11.13
C PRO A 292 12.50 17.62 10.25
N ARG A 293 13.80 17.57 10.02
CA ARG A 293 14.39 16.59 9.11
C ARG A 293 15.66 16.03 9.73
N LYS A 294 16.03 14.83 9.29
CA LYS A 294 17.25 14.16 9.71
C LYS A 294 17.95 13.59 8.49
N TYR A 295 19.28 13.66 8.49
CA TYR A 295 20.04 12.97 7.47
C TYR A 295 19.96 11.46 7.69
N ILE A 296 19.96 10.70 6.60
CA ILE A 296 19.86 9.25 6.66
C ILE A 296 21.16 8.56 6.28
N GLN A 297 22.22 9.32 6.03
CA GLN A 297 23.59 8.80 6.02
C GLN A 297 24.50 9.95 6.40
N GLY A 298 25.71 9.60 6.84
CA GLY A 298 26.68 10.59 7.23
C GLY A 298 26.80 10.78 8.73
N PRO A 299 27.48 11.86 9.14
CA PRO A 299 27.87 12.00 10.56
C PRO A 299 26.74 11.88 11.58
N ASN A 300 25.71 12.72 11.50
CA ASN A 300 24.64 12.71 12.49
C ASN A 300 23.42 11.93 12.00
N ALA A 301 23.64 10.87 11.22
CA ALA A 301 22.55 10.21 10.52
C ALA A 301 21.59 9.53 11.49
N ASP A 302 20.31 9.55 11.15
CA ASP A 302 19.27 8.81 11.85
C ASP A 302 18.67 7.83 10.86
N THR A 303 19.07 6.56 10.97
CA THR A 303 18.64 5.50 10.06
C THR A 303 17.52 4.65 10.62
N THR A 304 16.75 5.17 11.58
CA THR A 304 15.72 4.38 12.25
C THR A 304 14.74 3.77 11.26
N PHE A 305 14.32 4.53 10.26
CA PHE A 305 13.34 4.05 9.30
C PHE A 305 13.86 2.82 8.55
N PHE A 306 15.15 2.81 8.22
CA PHE A 306 15.73 1.70 7.48
C PHE A 306 16.21 0.59 8.41
N ASP A 307 16.66 0.96 9.61
CA ASP A 307 17.06 -0.05 10.59
C ASP A 307 15.88 -0.91 11.03
N GLU A 308 14.70 -0.30 11.14
CA GLU A 308 13.48 -0.99 11.53
C GLU A 308 12.83 -1.76 10.40
N GLU A 309 13.39 -1.68 9.18
CA GLU A 309 12.86 -2.39 8.01
C GLU A 309 11.42 -2.01 7.71
N GLN A 310 11.10 -0.71 7.86
CA GLN A 310 9.74 -0.24 7.67
C GLN A 310 9.25 -0.46 6.25
N ASN A 311 10.13 -0.35 5.26
CA ASN A 311 9.70 -0.38 3.87
C ASN A 311 9.48 -1.79 3.34
N TYR A 312 9.69 -2.84 4.14
CA TYR A 312 9.43 -4.18 3.63
C TYR A 312 7.94 -4.46 3.53
N LEU A 313 7.20 -4.29 4.63
CA LEU A 313 5.75 -4.50 4.58
C LEU A 313 4.92 -3.45 5.33
N ARG A 314 5.51 -2.58 6.13
CA ARG A 314 4.70 -1.69 6.96
C ARG A 314 4.26 -0.44 6.18
N VAL A 315 5.16 0.12 5.37
CA VAL A 315 4.85 1.35 4.64
C VAL A 315 5.02 1.11 3.14
N PRO A 316 4.37 1.88 2.29
CA PRO A 316 4.45 1.64 0.85
C PRO A 316 5.84 1.91 0.29
N ILE A 317 6.08 1.38 -0.91
CA ILE A 317 7.36 1.59 -1.59
C ILE A 317 7.53 3.06 -1.95
N GLU A 318 6.50 3.67 -2.53
CA GLU A 318 6.59 5.04 -3.00
C GLU A 318 6.56 6.01 -1.81
N GLN A 319 7.58 6.85 -1.69
CA GLN A 319 7.70 7.78 -0.58
C GLN A 319 8.04 9.19 -1.06
N GLY A 320 7.77 9.50 -2.33
CA GLY A 320 8.02 10.84 -2.86
C GLY A 320 7.33 11.93 -2.07
N GLY A 321 8.07 12.98 -1.72
CA GLY A 321 7.60 14.03 -0.85
C GLY A 321 8.03 13.89 0.59
N ILE A 322 8.52 12.71 0.97
CA ILE A 322 8.97 12.47 2.34
C ILE A 322 10.48 12.70 2.47
N PHE A 323 11.23 12.58 1.39
CA PHE A 323 12.68 12.70 1.41
C PHE A 323 13.14 13.92 0.64
N GLU A 324 14.28 14.46 1.03
CA GLU A 324 14.89 15.61 0.37
C GLU A 324 16.33 15.27 0.00
N GLU A 325 16.80 15.91 -1.07
CA GLU A 325 18.21 15.91 -1.43
C GLU A 325 18.71 17.35 -1.41
N VAL A 326 19.98 17.53 -1.03
CA VAL A 326 20.50 18.87 -0.76
C VAL A 326 20.63 19.72 -2.02
N ASN A 327 20.51 19.14 -3.20
CA ASN A 327 20.69 19.88 -4.45
C ASN A 327 19.48 20.77 -4.73
N VAL A 328 19.49 21.39 -5.91
CA VAL A 328 18.33 22.13 -6.40
C VAL A 328 17.31 21.12 -6.89
N GLU A 329 16.33 20.80 -6.05
CA GLU A 329 15.44 19.67 -6.28
C GLU A 329 14.04 20.15 -6.66
N THR A 330 13.30 19.29 -7.35
CA THR A 330 11.89 19.49 -7.62
C THR A 330 11.13 18.28 -7.10
N VAL A 331 10.22 18.50 -6.16
CA VAL A 331 9.54 17.43 -5.44
C VAL A 331 8.03 17.67 -5.51
N HIS A 332 7.28 16.60 -5.74
CA HIS A 332 5.82 16.64 -5.70
C HIS A 332 5.31 15.50 -4.84
N ASP A 333 4.04 15.60 -4.45
CA ASP A 333 3.39 14.57 -3.67
C ASP A 333 3.08 13.35 -4.53
N THR A 334 3.06 12.18 -3.90
CA THR A 334 2.93 10.92 -4.60
C THR A 334 1.90 10.02 -3.93
N GLN A 335 1.36 9.09 -4.72
CA GLN A 335 0.57 7.97 -4.22
C GLN A 335 0.40 6.98 -5.34
N MET A 336 0.43 5.68 -5.01
CA MET A 336 0.17 4.67 -6.01
C MET A 336 -1.34 4.39 -6.11
N PRO A 337 -1.84 4.08 -7.30
CA PRO A 337 -3.26 3.72 -7.44
C PRO A 337 -3.57 2.44 -6.68
N SER A 338 -4.76 2.40 -6.08
CA SER A 338 -5.21 1.21 -5.38
C SER A 338 -5.81 0.20 -6.36
N ILE A 339 -5.78 -1.07 -5.95
CA ILE A 339 -6.34 -2.16 -6.74
C ILE A 339 -7.19 -3.01 -5.82
N ASN A 340 -8.47 -3.17 -6.16
CA ASN A 340 -9.36 -4.09 -5.48
C ASN A 340 -10.12 -4.91 -6.52
N VAL A 341 -10.14 -6.22 -6.34
CA VAL A 341 -10.87 -7.14 -7.21
C VAL A 341 -11.61 -8.15 -6.36
N GLY A 342 -12.70 -8.67 -6.90
CA GLY A 342 -13.50 -9.65 -6.16
C GLY A 342 -14.70 -10.08 -6.96
N ILE A 343 -15.52 -10.91 -6.30
CA ILE A 343 -16.74 -11.47 -6.88
C ILE A 343 -17.93 -10.88 -6.13
N ARG A 344 -18.96 -10.48 -6.86
CA ARG A 344 -20.18 -10.02 -6.22
C ARG A 344 -20.89 -11.18 -5.52
N ALA A 345 -21.52 -10.89 -4.39
CA ALA A 345 -22.27 -11.89 -3.66
C ALA A 345 -23.39 -12.47 -4.53
N VAL A 346 -23.59 -13.77 -4.43
CA VAL A 346 -24.57 -14.49 -5.23
C VAL A 346 -25.79 -14.77 -4.35
N PRO A 347 -26.94 -14.15 -4.61
CA PRO A 347 -28.12 -14.41 -3.79
C PRO A 347 -28.55 -15.87 -3.84
N LYS A 348 -29.01 -16.37 -2.71
CA LYS A 348 -29.61 -17.69 -2.64
C LYS A 348 -30.92 -17.72 -3.41
N LEU A 349 -31.18 -18.84 -4.09
CA LEU A 349 -32.43 -19.01 -4.82
C LEU A 349 -33.58 -19.25 -3.85
N THR A 350 -34.29 -18.19 -3.50
CA THR A 350 -35.39 -18.27 -2.55
C THR A 350 -36.28 -17.05 -2.74
N THR A 351 -37.50 -17.14 -2.23
CA THR A 351 -38.40 -16.00 -2.25
C THR A 351 -38.30 -15.20 -0.95
N ILE A 352 -38.47 -13.89 -1.08
CA ILE A 352 -38.69 -13.01 0.07
C ILE A 352 -39.91 -12.16 -0.24
N ASP A 353 -40.53 -11.64 0.82
CA ASP A 353 -41.84 -11.02 0.72
C ASP A 353 -41.79 -9.49 0.73
N GLU A 354 -40.63 -8.89 0.49
CA GLU A 354 -40.51 -7.44 0.46
C GLU A 354 -39.56 -7.05 -0.66
N THR A 355 -39.62 -5.78 -1.05
CA THR A 355 -38.69 -5.24 -2.05
C THR A 355 -37.41 -4.84 -1.33
N THR A 356 -36.50 -5.79 -1.18
CA THR A 356 -35.20 -5.53 -0.59
C THR A 356 -34.15 -6.29 -1.38
N GLN A 357 -32.90 -6.09 -1.01
CA GLN A 357 -31.84 -6.95 -1.49
C GLN A 357 -31.96 -8.32 -0.82
N ALA A 358 -31.16 -9.26 -1.29
CA ALA A 358 -31.14 -10.59 -0.71
C ALA A 358 -30.63 -10.53 0.73
N ASN A 359 -31.11 -11.46 1.55
CA ASN A 359 -30.63 -11.61 2.93
C ASN A 359 -29.95 -12.95 3.17
N SER A 360 -29.74 -13.74 2.11
CA SER A 360 -29.07 -15.03 2.21
C SER A 360 -28.32 -15.26 0.91
N TRP A 361 -27.11 -15.82 1.01
CA TRP A 361 -26.24 -15.88 -0.14
C TRP A 361 -25.60 -17.26 -0.26
N LEU A 362 -25.25 -17.61 -1.49
CA LEU A 362 -24.49 -18.83 -1.74
C LEU A 362 -23.00 -18.56 -1.54
N ASP A 363 -22.30 -19.57 -1.03
CA ASP A 363 -20.85 -19.48 -0.95
C ASP A 363 -20.27 -19.33 -2.34
N ALA A 364 -19.39 -18.35 -2.52
CA ALA A 364 -18.76 -18.10 -3.80
C ALA A 364 -17.34 -17.62 -3.55
N GLN A 365 -16.46 -17.86 -4.51
CA GLN A 365 -15.03 -17.68 -4.29
C GLN A 365 -14.34 -17.27 -5.58
N GLY A 366 -13.55 -16.20 -5.52
CA GLY A 366 -12.75 -15.78 -6.65
C GLY A 366 -11.37 -16.41 -6.63
N TYR A 367 -10.85 -16.70 -7.82
CA TYR A 367 -9.53 -17.32 -7.99
C TYR A 367 -8.71 -16.40 -8.89
N PHE A 368 -7.69 -15.76 -8.32
CA PHE A 368 -6.92 -14.75 -9.01
C PHE A 368 -5.45 -15.15 -9.07
N GLU A 369 -4.88 -15.07 -10.26
CA GLU A 369 -3.46 -15.34 -10.49
C GLU A 369 -2.75 -14.02 -10.70
N VAL A 370 -1.77 -13.73 -9.84
CA VAL A 370 -1.13 -12.42 -9.80
C VAL A 370 0.34 -12.57 -10.15
N ASP A 371 0.76 -11.88 -11.21
CA ASP A 371 2.16 -11.73 -11.57
C ASP A 371 2.64 -10.35 -11.15
N CYS A 372 3.85 -10.28 -10.60
CA CYS A 372 4.37 -9.00 -10.15
C CYS A 372 5.87 -8.93 -10.39
N VAL A 373 6.33 -7.79 -10.90
CA VAL A 373 7.73 -7.55 -11.20
C VAL A 373 8.13 -6.22 -10.58
N LEU A 374 9.28 -6.19 -9.90
CA LEU A 374 9.85 -4.97 -9.37
C LEU A 374 11.29 -4.82 -9.87
N THR A 375 11.63 -3.65 -10.38
CA THR A 375 12.99 -3.34 -10.81
C THR A 375 13.57 -2.24 -9.95
N THR A 376 14.85 -2.38 -9.60
CA THR A 376 15.55 -1.46 -8.74
C THR A 376 16.89 -1.08 -9.37
N GLU A 377 17.55 -0.10 -8.78
CA GLU A 377 18.86 0.36 -9.23
C GLU A 377 19.63 0.94 -8.05
N SER A 378 20.93 0.64 -8.00
CA SER A 378 21.81 1.16 -6.95
C SER A 378 23.13 1.58 -7.59
N VAL A 379 23.92 2.35 -6.84
CA VAL A 379 25.15 2.94 -7.35
C VAL A 379 26.28 2.72 -6.36
N ASP A 380 27.48 2.49 -6.89
CA ASP A 380 28.73 2.46 -6.13
C ASP A 380 29.60 3.60 -6.63
N PRO A 381 29.59 4.76 -6.00
CA PRO A 381 30.42 5.88 -6.45
C PRO A 381 31.77 5.94 -5.76
N TYR A 382 32.80 6.32 -6.50
CA TYR A 382 34.15 6.47 -5.97
C TYR A 382 34.62 7.91 -6.18
N THR A 383 34.27 8.79 -5.23
CA THR A 383 34.77 10.15 -5.28
C THR A 383 36.22 10.24 -4.81
N TYR A 384 36.66 9.32 -3.96
CA TYR A 384 37.99 9.38 -3.36
C TYR A 384 38.76 8.10 -3.63
N ILE A 385 40.08 8.21 -3.54
CA ILE A 385 40.96 7.11 -3.90
C ILE A 385 40.93 5.97 -2.89
N LYS A 386 40.78 6.28 -1.60
CA LYS A 386 40.90 5.26 -0.55
C LYS A 386 39.62 5.15 0.25
N GLY A 387 39.53 4.07 1.03
CA GLY A 387 38.51 3.93 2.05
C GLY A 387 37.09 3.67 1.59
N GLY A 388 36.91 2.99 0.47
CA GLY A 388 35.60 2.61 0.03
C GLY A 388 34.85 3.69 -0.74
N CYS A 389 33.57 3.39 -0.98
CA CYS A 389 32.72 4.27 -1.77
C CYS A 389 32.34 5.53 -1.00
N TYR A 390 32.29 6.65 -1.72
CA TYR A 390 31.77 7.91 -1.21
C TYR A 390 31.06 8.63 -2.34
N SER A 391 29.88 9.16 -2.06
CA SER A 391 29.15 9.90 -3.08
C SER A 391 29.46 11.40 -2.97
N ALA A 392 29.05 12.14 -4.00
CA ALA A 392 29.05 13.59 -3.90
C ALA A 392 28.02 14.02 -2.86
N ASN A 393 28.33 15.10 -2.13
CA ASN A 393 27.42 15.54 -1.07
C ASN A 393 26.11 16.09 -1.62
N THR A 394 26.03 16.36 -2.93
CA THR A 394 24.76 16.70 -3.54
C THR A 394 23.81 15.51 -3.64
N LYS A 395 24.28 14.30 -3.33
CA LYS A 395 23.44 13.11 -3.21
C LYS A 395 22.98 12.85 -1.80
N SER A 396 23.34 13.72 -0.84
CA SER A 396 22.95 13.50 0.55
C SER A 396 21.43 13.60 0.70
N GLN A 397 20.87 12.73 1.54
CA GLN A 397 19.43 12.58 1.67
C GLN A 397 18.97 12.91 3.09
N LEU A 398 17.77 13.49 3.18
CA LEU A 398 17.12 13.74 4.45
C LEU A 398 15.71 13.17 4.43
N GLN A 399 15.18 12.87 5.62
CA GLN A 399 13.84 12.35 5.78
C GLN A 399 13.09 13.17 6.81
N TYR A 400 11.80 13.37 6.57
CA TYR A 400 10.93 14.04 7.53
C TYR A 400 10.90 13.25 8.84
N PHE A 401 11.00 13.96 9.95
CA PHE A 401 10.98 13.35 11.27
C PHE A 401 10.02 14.09 12.18
N ALA A 402 9.43 13.36 13.13
CA ALA A 402 8.65 13.97 14.18
C ALA A 402 9.57 14.39 15.33
N SER A 403 9.04 15.24 16.21
CA SER A 403 9.83 15.79 17.30
C SER A 403 10.21 14.75 18.35
N ASP A 404 9.56 13.58 18.37
CA ASP A 404 9.92 12.56 19.33
C ASP A 404 10.96 11.61 18.76
N GLY A 405 11.43 11.89 17.55
CA GLY A 405 12.42 11.07 16.90
C GLY A 405 11.88 9.99 15.99
N ARG A 406 10.56 9.88 15.85
CA ARG A 406 10.01 8.88 14.95
C ARG A 406 10.08 9.39 13.51
N PRO A 407 10.59 8.58 12.58
CA PRO A 407 10.53 8.97 11.17
C PRO A 407 9.09 9.07 10.70
N ILE A 408 8.86 9.96 9.74
CA ILE A 408 7.54 10.15 9.14
C ILE A 408 7.54 9.48 7.77
N ALA A 409 6.44 8.80 7.44
CA ALA A 409 6.31 8.14 6.16
C ALA A 409 4.88 8.26 5.65
N LYS A 410 4.75 8.12 4.34
CA LYS A 410 3.43 8.00 3.72
C LYS A 410 2.77 6.70 4.16
N VAL A 411 1.45 6.72 4.27
CA VAL A 411 0.65 5.53 4.53
C VAL A 411 -0.56 5.52 3.62
N TYR A 412 -0.94 4.35 3.14
CA TYR A 412 -2.10 4.19 2.27
C TYR A 412 -3.30 3.61 2.99
N ASP A 413 -3.18 3.29 4.28
CA ASP A 413 -4.25 2.59 4.99
C ASP A 413 -5.41 3.51 5.37
N ASN A 414 -5.15 4.80 5.55
CA ASN A 414 -6.20 5.71 5.96
C ASN A 414 -6.93 6.26 4.73
N PRO A 415 -8.16 6.74 4.90
CA PRO A 415 -8.87 7.35 3.77
C PRO A 415 -8.21 8.64 3.33
N ASN A 416 -8.35 8.94 2.05
CA ASN A 416 -7.71 10.11 1.48
C ASN A 416 -8.29 11.39 2.08
N VAL A 417 -7.45 12.41 2.17
CA VAL A 417 -7.86 13.75 2.58
C VAL A 417 -7.66 14.67 1.39
N TYR A 418 -8.76 15.17 0.84
CA TYR A 418 -8.73 15.97 -0.38
C TYR A 418 -8.01 15.25 -1.52
N GLY A 419 -8.21 13.93 -1.59
CA GLY A 419 -7.56 13.14 -2.61
C GLY A 419 -6.09 12.86 -2.37
N ARG A 420 -5.60 13.10 -1.16
CA ARG A 420 -4.18 12.95 -0.83
C ARG A 420 -3.99 11.83 0.17
N MET A 421 -2.85 11.15 0.06
CA MET A 421 -2.41 10.20 1.08
C MET A 421 -1.64 10.96 2.16
N GLN A 422 -2.09 10.86 3.39
CA GLN A 422 -1.43 11.56 4.47
C GLN A 422 -0.10 10.91 4.83
N MET A 423 0.77 11.70 5.46
CA MET A 423 2.00 11.18 6.05
C MET A 423 1.87 11.23 7.57
N ILE A 424 2.29 10.15 8.21
CA ILE A 424 2.13 9.98 9.65
C ILE A 424 3.44 9.47 10.25
N LYS A 425 3.52 9.53 11.57
CA LYS A 425 4.67 9.00 12.27
C LYS A 425 4.71 7.48 12.15
N THR A 426 5.88 6.93 11.87
CA THR A 426 6.05 5.49 11.89
C THR A 426 6.04 4.99 13.33
N VAL A 427 5.68 3.72 13.49
CA VAL A 427 5.61 3.06 14.78
C VAL A 427 6.70 1.99 14.83
N LYS A 428 7.40 1.92 15.95
CA LYS A 428 8.44 0.92 16.11
C LYS A 428 7.83 -0.48 16.06
N PRO A 429 8.37 -1.40 15.25
CA PRO A 429 7.85 -2.77 15.14
C PRO A 429 7.90 -3.51 16.47
#